data_2RBC
#
_entry.id   2RBC
#
_cell.length_a   81.024
_cell.length_b   81.024
_cell.length_c   139.799
_cell.angle_alpha   90.000
_cell.angle_beta   90.000
_cell.angle_gamma   90.000
#
_symmetry.space_group_name_H-M   'P 43 21 2'
#
loop_
_entity.id
_entity.type
_entity.pdbx_description
1 polymer 'Sugar kinase'
2 non-polymer 'SULFATE ION'
3 non-polymer 'CHLORIDE ION'
4 non-polymer 1,2-ETHANEDIOL
5 non-polymer GLYCEROL
6 water water
#
_entity_poly.entity_id   1
_entity_poly.type   'polypeptide(L)'
_entity_poly.pdbx_seq_one_letter_code
;(MSE)GSSHHHHHHSSGRENLYFQGH(MSE)VKEPGGKHVLCVGAAVLDTLFRVAD(MSE)PKGEGKVLPYEVLQIAEG
(MSE)ASSAAYAVHR(MSE)GGRASLWGAVGDDETGTRILRDLSESGIDTSG(MSE)TVAPGARSALSTIIIDNRGERLI
VPFYDHRLHEKKRACTPEDIALFDAVLVDVRWPELALDVLTVARALGKPAILDGDVAPVETLEGLAPAATHIVFSEPAAT
RLTGLETVKD(MSE)LPVLHARYPQTFIAVTAGPAGCWWTEADDPTVHFQTT(MSE)QVEAVDTLAAGDIFHGTFALA
(MSE)AEG(MSE)QSRAAVRLSSVAAALKCTVFGGRIGAPTREETEEA(MSE)RQWLERESEPALRASGS
;
_entity_poly.pdbx_strand_id   A
#
loop_
_chem_comp.id
_chem_comp.type
_chem_comp.name
_chem_comp.formula
CL non-polymer 'CHLORIDE ION' 'Cl -1'
EDO non-polymer 1,2-ETHANEDIOL 'C2 H6 O2'
GOL non-polymer GLYCEROL 'C3 H8 O3'
SO4 non-polymer 'SULFATE ION' 'O4 S -2'
#
# COMPACT_ATOMS: atom_id res chain seq x y z
N GLY A 28 2.90 22.58 0.54
CA GLY A 28 3.89 21.93 1.44
C GLY A 28 3.53 20.47 1.68
N GLY A 29 3.59 20.05 2.93
CA GLY A 29 3.35 18.68 3.30
C GLY A 29 4.66 17.91 3.26
N LYS A 30 4.75 16.90 4.09
CA LYS A 30 5.89 16.02 4.06
C LYS A 30 5.95 15.25 2.75
N HIS A 31 7.16 14.91 2.36
CA HIS A 31 7.42 14.23 1.13
C HIS A 31 7.77 12.77 1.38
N VAL A 32 6.95 11.87 0.84
CA VAL A 32 7.09 10.43 1.00
C VAL A 32 7.42 9.80 -0.38
N LEU A 33 8.51 9.04 -0.45
CA LEU A 33 8.84 8.16 -1.55
C LEU A 33 8.14 6.83 -1.41
N CYS A 34 7.36 6.48 -2.41
CA CYS A 34 6.73 5.15 -2.50
C CYS A 34 7.44 4.37 -3.58
N VAL A 35 7.69 3.09 -3.35
CA VAL A 35 8.39 2.24 -4.30
C VAL A 35 7.62 0.94 -4.54
N GLY A 36 7.38 0.64 -5.81
CA GLY A 36 6.80 -0.63 -6.22
C GLY A 36 5.88 -0.66 -7.42
N ALA A 37 4.72 -1.28 -7.23
CA ALA A 37 3.76 -1.53 -8.31
C ALA A 37 3.07 -0.32 -8.93
N ALA A 38 2.95 -0.38 -10.26
CA ALA A 38 2.30 0.60 -11.12
C ALA A 38 1.64 -0.19 -12.24
N VAL A 39 0.32 -0.32 -12.16
CA VAL A 39 -0.46 -1.32 -12.95
C VAL A 39 -1.69 -0.61 -13.51
N LEU A 40 -1.99 -0.83 -14.80
CA LEU A 40 -3.26 -0.35 -15.38
C LEU A 40 -4.37 -1.36 -15.13
N ASP A 41 -5.22 -1.05 -14.16
CA ASP A 41 -6.40 -1.86 -13.87
C ASP A 41 -7.60 -1.44 -14.70
N THR A 42 -8.32 -2.43 -15.24
CA THR A 42 -9.65 -2.24 -15.75
C THR A 42 -10.63 -2.98 -14.86
N LEU A 43 -11.50 -2.19 -14.22
CA LEU A 43 -12.44 -2.65 -13.21
C LEU A 43 -13.80 -2.69 -13.84
N PHE A 44 -14.36 -3.90 -13.97
CA PHE A 44 -15.64 -4.15 -14.59
C PHE A 44 -16.62 -4.48 -13.48
N ARG A 45 -17.62 -3.62 -13.30
CA ARG A 45 -18.62 -3.75 -12.22
C ARG A 45 -19.81 -4.51 -12.78
N VAL A 46 -20.09 -5.67 -12.20
CA VAL A 46 -21.12 -6.55 -12.68
C VAL A 46 -22.10 -6.88 -11.53
N ALA A 47 -23.30 -7.35 -11.88
CA ALA A 47 -24.28 -7.77 -10.86
C ALA A 47 -23.80 -9.09 -10.29
N ASP A 48 -23.75 -10.10 -11.15
CA ASP A 48 -23.37 -11.43 -10.76
C ASP A 48 -22.02 -11.81 -11.31
N MSE A 49 -21.17 -12.28 -10.41
CA MSE A 49 -19.90 -12.89 -10.75
C MSE A 49 -20.09 -14.01 -11.78
O MSE A 49 -20.89 -14.91 -11.58
CB MSE A 49 -19.26 -13.45 -9.48
CG MSE A 49 -17.83 -13.85 -9.64
SE MSE A 49 -16.73 -12.28 -10.09
CE MSE A 49 -16.54 -11.41 -8.34
N PRO A 50 -19.35 -13.95 -12.90
CA PRO A 50 -19.39 -15.07 -13.81
C PRO A 50 -18.84 -16.33 -13.18
N LYS A 51 -19.27 -17.46 -13.72
CA LYS A 51 -18.97 -18.77 -13.16
C LYS A 51 -18.52 -19.73 -14.24
N GLY A 52 -17.97 -19.20 -15.33
CA GLY A 52 -17.56 -20.04 -16.43
C GLY A 52 -17.71 -19.28 -17.71
N GLU A 53 -17.47 -19.98 -18.80
CA GLU A 53 -17.49 -19.35 -20.10
C GLU A 53 -18.85 -18.69 -20.39
N GLY A 54 -18.85 -17.85 -21.42
CA GLY A 54 -20.03 -17.08 -21.80
C GLY A 54 -19.73 -15.60 -21.81
N LYS A 55 -20.65 -14.81 -21.30
CA LYS A 55 -20.54 -13.37 -21.37
C LYS A 55 -21.18 -12.74 -20.16
N VAL A 56 -20.56 -11.70 -19.61
CA VAL A 56 -21.19 -10.92 -18.57
C VAL A 56 -21.07 -9.45 -18.93
N LEU A 57 -22.19 -8.75 -18.85
CA LEU A 57 -22.24 -7.36 -19.23
C LEU A 57 -21.99 -6.49 -18.02
N PRO A 58 -20.96 -5.63 -18.08
CA PRO A 58 -20.70 -4.73 -16.96
C PRO A 58 -21.63 -3.52 -16.97
N TYR A 59 -21.97 -3.00 -15.80
CA TYR A 59 -22.75 -1.78 -15.81
C TYR A 59 -21.93 -0.55 -15.57
N GLU A 60 -20.69 -0.71 -15.15
CA GLU A 60 -19.77 0.39 -14.96
C GLU A 60 -18.38 -0.15 -15.25
N VAL A 61 -17.54 0.65 -15.92
CA VAL A 61 -16.16 0.24 -16.23
C VAL A 61 -15.23 1.42 -15.92
N LEU A 62 -14.16 1.16 -15.17
CA LEU A 62 -13.17 2.17 -14.81
C LEU A 62 -11.79 1.64 -15.11
N GLN A 63 -11.04 2.42 -15.88
CA GLN A 63 -9.62 2.19 -16.08
C GLN A 63 -8.83 3.14 -15.21
N ILE A 64 -8.00 2.57 -14.34
CA ILE A 64 -7.28 3.32 -13.34
C ILE A 64 -5.86 2.75 -13.12
N ALA A 65 -4.87 3.62 -13.14
CA ALA A 65 -3.51 3.23 -12.82
C ALA A 65 -3.38 3.19 -11.30
N GLU A 66 -3.02 2.03 -10.80
CA GLU A 66 -2.92 1.81 -9.38
C GLU A 66 -1.93 0.67 -9.13
N GLY A 67 -2.12 -0.13 -8.10
CA GLY A 67 -1.05 -1.02 -7.63
C GLY A 67 -0.66 -0.58 -6.23
N MSE A 68 -0.05 -1.44 -5.44
CA MSE A 68 0.19 -1.14 -4.05
C MSE A 68 0.93 0.18 -3.83
O MSE A 68 0.40 1.06 -3.18
CB MSE A 68 0.93 -2.28 -3.37
CG MSE A 68 0.11 -3.57 -3.36
SE MSE A 68 1.19 -5.08 -2.73
CE MSE A 68 2.43 -5.29 -4.24
N ALA A 69 2.13 0.31 -4.38
CA ALA A 69 2.87 1.57 -4.18
C ALA A 69 2.18 2.80 -4.77
N SER A 70 1.54 2.61 -5.91
CA SER A 70 0.97 3.74 -6.66
C SER A 70 -0.23 4.32 -5.87
N SER A 71 -1.04 3.43 -5.33
CA SER A 71 -2.20 3.80 -4.56
C SER A 71 -1.80 4.43 -3.21
N ALA A 72 -0.76 3.90 -2.59
CA ALA A 72 -0.17 4.46 -1.38
C ALA A 72 0.31 5.89 -1.69
N ALA A 73 0.99 6.05 -2.82
CA ALA A 73 1.41 7.38 -3.25
C ALA A 73 0.22 8.34 -3.42
N TYR A 74 -0.83 7.89 -4.11
CA TYR A 74 -2.03 8.66 -4.24
C TYR A 74 -2.62 9.06 -2.89
N ALA A 75 -2.64 8.13 -1.95
CA ALA A 75 -3.12 8.43 -0.59
C ALA A 75 -2.27 9.49 0.11
N VAL A 76 -0.95 9.42 -0.05
CA VAL A 76 -0.08 10.46 0.51
C VAL A 76 -0.49 11.84 0.00
N HIS A 77 -0.68 11.97 -1.31
CA HIS A 77 -1.13 13.19 -1.93
C HIS A 77 -2.49 13.66 -1.38
N ARG A 78 -3.45 12.75 -1.37
CA ARG A 78 -4.81 13.07 -0.94
C ARG A 78 -4.84 13.54 0.51
N MSE A 79 -3.93 12.98 1.30
CA MSE A 79 -3.84 13.26 2.73
C MSE A 79 -2.95 14.46 3.08
O MSE A 79 -2.68 14.71 4.25
CB MSE A 79 -3.35 12.04 3.47
CG MSE A 79 -4.28 10.84 3.37
SE MSE A 79 -6.08 11.15 4.14
CE MSE A 79 -5.66 10.80 6.03
N GLY A 80 -2.51 15.18 2.07
CA GLY A 80 -1.87 16.47 2.26
C GLY A 80 -0.35 16.44 2.19
N GLY A 81 0.21 15.29 1.83
CA GLY A 81 1.67 15.19 1.65
C GLY A 81 2.04 15.33 0.20
N ARG A 82 3.33 15.22 -0.05
CA ARG A 82 3.89 15.21 -1.42
C ARG A 82 4.36 13.81 -1.67
N ALA A 83 4.02 13.25 -2.83
CA ALA A 83 4.32 11.86 -3.11
C ALA A 83 5.15 11.73 -4.36
N SER A 84 6.18 10.91 -4.27
CA SER A 84 6.97 10.46 -5.43
C SER A 84 6.88 8.95 -5.51
N LEU A 85 6.97 8.43 -6.73
CA LEU A 85 6.90 7.03 -6.96
C LEU A 85 8.04 6.54 -7.84
N TRP A 86 8.71 5.48 -7.40
CA TRP A 86 9.70 4.77 -8.20
C TRP A 86 9.06 3.45 -8.47
N GLY A 87 9.04 3.07 -9.72
CA GLY A 87 8.29 1.92 -10.19
C GLY A 87 8.72 1.81 -11.61
N ALA A 88 8.29 0.76 -12.30
CA ALA A 88 8.70 0.50 -13.67
C ALA A 88 7.48 0.32 -14.56
N VAL A 89 7.56 0.86 -15.77
CA VAL A 89 6.62 0.57 -16.83
C VAL A 89 7.44 0.12 -18.03
N GLY A 90 6.81 -0.49 -19.01
CA GLY A 90 7.46 -0.72 -20.29
C GLY A 90 7.38 0.48 -21.21
N ASP A 91 8.17 0.44 -22.28
N ASP A 91 8.16 0.43 -22.28
CA ASP A 91 8.09 1.44 -23.34
CA ASP A 91 8.09 1.42 -23.35
C ASP A 91 6.94 1.10 -24.27
C ASP A 91 6.93 1.05 -24.26
N ASP A 92 5.72 1.17 -23.74
CA ASP A 92 4.54 0.83 -24.48
C ASP A 92 3.38 1.74 -24.16
N GLU A 93 2.27 1.52 -24.87
CA GLU A 93 1.13 2.39 -24.78
C GLU A 93 0.51 2.33 -23.39
N THR A 94 0.45 1.13 -22.79
CA THR A 94 -0.02 0.95 -21.41
C THR A 94 0.85 1.77 -20.44
N GLY A 95 2.15 1.78 -20.68
CA GLY A 95 3.09 2.57 -19.85
C GLY A 95 2.85 4.07 -19.90
N THR A 96 2.60 4.57 -21.10
CA THR A 96 2.33 5.97 -21.33
C THR A 96 1.09 6.36 -20.53
N ARG A 97 0.13 5.47 -20.56
CA ARG A 97 -1.10 5.72 -19.87
C ARG A 97 -1.00 5.68 -18.35
N ILE A 98 -0.22 4.72 -17.84
CA ILE A 98 0.06 4.64 -16.41
C ILE A 98 0.75 5.91 -15.94
N LEU A 99 1.79 6.32 -16.65
CA LEU A 99 2.52 7.52 -16.25
C LEU A 99 1.63 8.77 -16.24
N ARG A 100 0.81 8.91 -17.28
CA ARG A 100 -0.07 10.05 -17.39
C ARG A 100 -1.12 10.08 -16.29
N ASP A 101 -1.74 8.96 -16.01
CA ASP A 101 -2.76 8.91 -14.97
C ASP A 101 -2.15 9.24 -13.60
N LEU A 102 -1.05 8.56 -13.27
CA LEU A 102 -0.42 8.80 -11.99
C LEU A 102 0.03 10.26 -11.80
N SER A 103 0.68 10.88 -12.79
CA SER A 103 1.04 12.28 -12.59
C SER A 103 -0.14 13.23 -12.59
N GLU A 104 -1.18 12.95 -13.36
CA GLU A 104 -2.40 13.74 -13.27
C GLU A 104 -3.13 13.54 -11.92
N SER A 105 -2.81 12.46 -11.21
CA SER A 105 -3.44 12.13 -9.93
C SER A 105 -2.64 12.73 -8.74
N GLY A 106 -1.64 13.53 -9.04
CA GLY A 106 -0.90 14.26 -8.04
C GLY A 106 0.39 13.62 -7.57
N ILE A 107 0.87 12.59 -8.28
CA ILE A 107 2.08 11.88 -7.88
C ILE A 107 3.25 12.34 -8.79
N ASP A 108 4.40 12.68 -8.19
CA ASP A 108 5.63 12.90 -8.96
C ASP A 108 6.14 11.58 -9.53
N THR A 109 6.04 11.45 -10.85
CA THR A 109 6.44 10.25 -11.58
C THR A 109 7.80 10.42 -12.26
N SER A 110 8.49 11.50 -11.94
CA SER A 110 9.71 11.85 -12.62
C SER A 110 10.86 10.85 -12.41
N GLY A 111 10.83 10.07 -11.35
CA GLY A 111 11.81 9.00 -11.13
C GLY A 111 11.36 7.60 -11.49
N MSE A 112 10.27 7.48 -12.23
N MSE A 112 10.27 7.48 -12.25
CA MSE A 112 9.82 6.16 -12.68
CA MSE A 112 9.82 6.17 -12.73
C MSE A 112 10.74 5.60 -13.74
C MSE A 112 10.83 5.61 -13.69
O MSE A 112 11.30 6.36 -14.50
O MSE A 112 11.54 6.34 -14.34
CB MSE A 112 8.41 6.26 -13.25
CB MSE A 112 8.52 6.28 -13.52
CG MSE A 112 7.40 6.47 -12.21
CG MSE A 112 7.40 6.97 -12.83
SE MSE A 112 7.01 4.76 -11.35
SE MSE A 112 6.07 5.85 -12.07
CE MSE A 112 6.11 3.74 -12.75
CE MSE A 112 6.16 4.21 -13.18
N THR A 113 10.88 4.29 -13.79
CA THR A 113 11.75 3.59 -14.72
C THR A 113 10.93 3.10 -15.92
N VAL A 114 11.47 3.34 -17.12
CA VAL A 114 10.88 2.81 -18.34
C VAL A 114 11.83 1.71 -18.72
N ALA A 115 11.38 0.47 -18.56
CA ALA A 115 12.24 -0.69 -18.77
C ALA A 115 12.16 -1.04 -20.26
N PRO A 116 13.22 -0.75 -21.04
CA PRO A 116 13.10 -1.05 -22.47
C PRO A 116 12.89 -2.56 -22.74
N GLY A 117 11.97 -2.87 -23.66
CA GLY A 117 11.57 -4.26 -23.93
C GLY A 117 10.69 -4.98 -22.92
N ALA A 118 10.38 -4.36 -21.78
CA ALA A 118 9.40 -4.94 -20.86
C ALA A 118 8.00 -4.46 -21.26
N ARG A 119 7.01 -5.26 -20.90
CA ARG A 119 5.63 -4.90 -21.08
C ARG A 119 5.10 -4.42 -19.76
N SER A 120 4.35 -3.34 -19.80
CA SER A 120 3.76 -2.75 -18.60
C SER A 120 2.68 -3.67 -18.02
N ALA A 121 2.54 -3.61 -16.69
CA ALA A 121 1.59 -4.42 -15.97
C ALA A 121 0.19 -3.87 -16.19
N LEU A 122 -0.75 -4.79 -16.32
CA LEU A 122 -2.17 -4.44 -16.40
C LEU A 122 -2.95 -5.59 -15.79
N SER A 123 -4.13 -5.30 -15.23
CA SER A 123 -5.06 -6.34 -14.78
C SER A 123 -6.51 -6.10 -15.16
N THR A 124 -7.26 -7.18 -15.38
CA THR A 124 -8.72 -7.09 -15.34
C THR A 124 -9.20 -7.52 -13.95
N ILE A 125 -10.08 -6.71 -13.36
CA ILE A 125 -10.74 -7.07 -12.11
C ILE A 125 -12.24 -6.95 -12.31
N ILE A 126 -12.96 -8.06 -12.11
CA ILE A 126 -14.42 -8.13 -12.24
C ILE A 126 -14.95 -8.12 -10.81
N ILE A 127 -15.71 -7.07 -10.48
CA ILE A 127 -16.23 -6.82 -9.14
C ILE A 127 -17.76 -6.93 -9.16
N ASP A 128 -18.29 -7.96 -8.48
CA ASP A 128 -19.74 -8.22 -8.46
C ASP A 128 -20.45 -7.30 -7.47
N ASN A 129 -21.76 -7.45 -7.36
CA ASN A 129 -22.51 -6.57 -6.45
C ASN A 129 -22.41 -6.98 -4.97
N ARG A 130 -21.61 -7.99 -4.65
CA ARG A 130 -21.17 -8.23 -3.27
C ARG A 130 -19.83 -7.56 -2.95
N GLY A 131 -19.27 -6.82 -3.91
CA GLY A 131 -17.91 -6.31 -3.77
C GLY A 131 -16.82 -7.39 -3.81
N GLU A 132 -17.18 -8.62 -4.15
CA GLU A 132 -16.19 -9.67 -4.35
C GLU A 132 -15.52 -9.49 -5.70
N ARG A 133 -14.30 -10.01 -5.83
CA ARG A 133 -13.46 -9.78 -7.01
C ARG A 133 -12.87 -11.02 -7.67
N LEU A 134 -12.79 -10.98 -9.00
CA LEU A 134 -12.01 -11.93 -9.78
C LEU A 134 -10.90 -11.13 -10.51
N ILE A 135 -9.63 -11.47 -10.28
N ILE A 135 -9.64 -11.50 -10.29
CA ILE A 135 -8.50 -10.75 -10.85
CA ILE A 135 -8.47 -10.79 -10.80
C ILE A 135 -7.74 -11.62 -11.85
C ILE A 135 -7.75 -11.64 -11.86
N VAL A 136 -7.40 -11.00 -12.98
CA VAL A 136 -6.64 -11.64 -14.03
C VAL A 136 -5.50 -10.66 -14.31
N PRO A 137 -4.38 -10.90 -13.66
CA PRO A 137 -3.27 -9.98 -13.74
C PRO A 137 -2.22 -10.39 -14.74
N PHE A 138 -1.74 -9.40 -15.49
CA PHE A 138 -0.60 -9.57 -16.35
C PHE A 138 0.59 -8.88 -15.74
N TYR A 139 1.69 -9.60 -15.61
CA TYR A 139 2.92 -9.05 -15.05
C TYR A 139 4.13 -9.62 -15.81
N ASP A 140 4.97 -8.74 -16.35
CA ASP A 140 6.22 -9.12 -16.99
C ASP A 140 7.40 -8.89 -16.03
N HIS A 141 8.03 -9.96 -15.55
CA HIS A 141 9.19 -9.83 -14.62
C HIS A 141 10.31 -8.94 -15.17
N ARG A 142 10.41 -8.79 -16.48
CA ARG A 142 11.44 -7.94 -17.08
C ARG A 142 11.33 -6.49 -16.65
N LEU A 143 10.17 -6.10 -16.14
CA LEU A 143 10.00 -4.76 -15.59
C LEU A 143 11.09 -4.43 -14.53
N HIS A 144 11.45 -5.43 -13.74
CA HIS A 144 12.22 -5.24 -12.51
C HIS A 144 13.52 -6.01 -12.52
N GLU A 145 14.07 -6.26 -13.71
CA GLU A 145 15.29 -7.06 -13.82
C GLU A 145 16.58 -6.21 -13.88
N LYS A 146 16.43 -4.89 -13.96
CA LYS A 146 17.56 -4.01 -14.07
C LYS A 146 17.69 -3.19 -12.81
N LYS A 147 18.93 -2.83 -12.50
CA LYS A 147 19.22 -2.14 -11.28
C LYS A 147 18.82 -0.67 -11.39
N ARG A 148 18.04 -0.17 -10.46
CA ARG A 148 17.71 1.25 -10.43
C ARG A 148 18.50 1.97 -9.34
N ALA A 149 19.07 3.14 -9.62
CA ALA A 149 19.98 3.80 -8.68
C ALA A 149 19.27 4.25 -7.42
N CYS A 150 19.94 4.16 -6.30
CA CYS A 150 19.37 4.55 -5.03
C CYS A 150 20.47 5.13 -4.13
N THR A 151 20.76 6.40 -4.28
CA THR A 151 21.87 6.99 -3.56
C THR A 151 21.36 7.67 -2.29
N PRO A 152 22.20 7.80 -1.26
CA PRO A 152 21.77 8.59 -0.09
C PRO A 152 21.38 10.03 -0.43
N GLU A 153 22.00 10.65 -1.42
CA GLU A 153 21.58 11.97 -1.86
C GLU A 153 20.15 12.00 -2.46
N ASP A 154 19.78 10.98 -3.25
CA ASP A 154 18.40 10.76 -3.71
C ASP A 154 17.43 10.69 -2.50
N ILE A 155 17.74 9.86 -1.52
CA ILE A 155 16.80 9.55 -0.47
C ILE A 155 16.70 10.67 0.56
N ALA A 156 17.76 11.47 0.70
CA ALA A 156 17.80 12.51 1.73
C ALA A 156 16.76 13.57 1.45
N LEU A 157 16.26 13.61 0.23
CA LEU A 157 15.24 14.55 -0.15
C LEU A 157 13.85 14.17 0.36
N PHE A 158 13.68 12.94 0.87
CA PHE A 158 12.39 12.51 1.36
C PHE A 158 12.33 12.55 2.88
N ASP A 159 11.13 12.63 3.42
CA ASP A 159 10.91 12.64 4.86
C ASP A 159 10.64 11.23 5.36
N ALA A 160 10.10 10.37 4.49
CA ALA A 160 9.94 8.94 4.77
C ALA A 160 9.91 8.20 3.46
N VAL A 161 10.08 6.87 3.53
CA VAL A 161 9.94 6.01 2.35
C VAL A 161 9.01 4.86 2.70
N LEU A 162 8.26 4.44 1.69
CA LEU A 162 7.35 3.31 1.80
C LEU A 162 7.61 2.37 0.64
N VAL A 163 7.78 1.08 0.90
CA VAL A 163 8.08 0.15 -0.18
C VAL A 163 7.11 -1.02 -0.10
N ASP A 164 6.69 -1.52 -1.28
CA ASP A 164 5.92 -2.77 -1.39
C ASP A 164 6.80 -3.97 -1.75
N VAL A 165 6.19 -5.15 -1.91
CA VAL A 165 6.93 -6.39 -2.13
C VAL A 165 7.20 -6.66 -3.63
N ARG A 166 6.82 -5.74 -4.50
CA ARG A 166 6.85 -6.00 -5.94
C ARG A 166 8.24 -5.88 -6.61
N TRP A 167 9.08 -4.99 -6.12
CA TRP A 167 10.40 -4.77 -6.67
C TRP A 167 11.43 -4.93 -5.52
N PRO A 168 11.65 -6.16 -5.06
CA PRO A 168 12.38 -6.40 -3.82
C PRO A 168 13.80 -5.92 -3.77
N GLU A 169 14.53 -6.00 -4.87
N GLU A 169 14.52 -6.04 -4.90
CA GLU A 169 15.92 -5.56 -4.82
CA GLU A 169 15.90 -5.58 -4.99
C GLU A 169 16.04 -4.03 -4.72
C GLU A 169 15.98 -4.07 -4.68
N LEU A 170 15.14 -3.29 -5.35
CA LEU A 170 15.10 -1.85 -5.15
C LEU A 170 14.56 -1.50 -3.74
N ALA A 171 13.50 -2.21 -3.34
CA ALA A 171 12.88 -2.01 -2.02
C ALA A 171 13.89 -2.17 -0.89
N LEU A 172 14.73 -3.21 -0.97
CA LEU A 172 15.77 -3.44 0.03
C LEU A 172 16.70 -2.25 0.13
N ASP A 173 17.10 -1.73 -1.00
CA ASP A 173 18.03 -0.61 -1.03
C ASP A 173 17.41 0.65 -0.48
N VAL A 174 16.16 0.91 -0.86
CA VAL A 174 15.49 2.12 -0.39
C VAL A 174 15.28 2.10 1.15
N LEU A 175 14.87 0.94 1.66
CA LEU A 175 14.71 0.79 3.10
C LEU A 175 16.04 1.01 3.83
N THR A 176 17.10 0.35 3.35
CA THR A 176 18.41 0.45 3.96
C THR A 176 18.93 1.87 4.01
N VAL A 177 18.89 2.55 2.87
CA VAL A 177 19.45 3.91 2.79
C VAL A 177 18.60 4.84 3.68
N ALA A 178 17.26 4.72 3.59
CA ALA A 178 16.39 5.58 4.38
C ALA A 178 16.66 5.43 5.89
N ARG A 179 16.77 4.20 6.35
N ARG A 179 16.76 4.19 6.33
CA ARG A 179 16.98 3.96 7.77
CA ARG A 179 16.99 3.89 7.74
C ARG A 179 18.33 4.50 8.22
C ARG A 179 18.33 4.47 8.21
N ALA A 180 19.36 4.31 7.38
CA ALA A 180 20.69 4.86 7.65
C ALA A 180 20.63 6.37 7.80
N LEU A 181 19.74 7.02 7.06
CA LEU A 181 19.58 8.49 7.10
C LEU A 181 18.66 8.96 8.24
N GLY A 182 18.17 8.03 9.06
CA GLY A 182 17.35 8.40 10.20
C GLY A 182 15.87 8.58 9.87
N LYS A 183 15.44 8.10 8.70
CA LYS A 183 14.10 8.35 8.19
C LYS A 183 13.26 7.12 8.46
N PRO A 184 11.93 7.33 8.62
CA PRO A 184 11.06 6.16 8.64
C PRO A 184 11.19 5.41 7.33
N ALA A 185 11.37 4.10 7.44
CA ALA A 185 11.61 3.18 6.36
C ALA A 185 10.54 2.11 6.49
N ILE A 186 9.44 2.26 5.76
CA ILE A 186 8.22 1.51 6.02
C ILE A 186 8.03 0.42 4.97
N LEU A 187 7.77 -0.80 5.44
CA LEU A 187 7.49 -1.92 4.58
C LEU A 187 6.02 -2.24 4.63
N ASP A 188 5.39 -2.21 3.44
CA ASP A 188 4.07 -2.78 3.21
C ASP A 188 4.32 -4.26 3.01
N GLY A 189 4.05 -5.03 4.05
CA GLY A 189 4.36 -6.45 4.06
C GLY A 189 3.12 -7.19 3.64
N ASP A 190 2.88 -7.20 2.35
CA ASP A 190 1.78 -7.95 1.77
C ASP A 190 2.27 -9.29 1.21
N VAL A 191 1.33 -10.07 0.69
CA VAL A 191 1.60 -11.43 0.26
C VAL A 191 2.69 -11.46 -0.79
N ALA A 192 3.63 -12.35 -0.55
CA ALA A 192 4.78 -12.55 -1.39
C ALA A 192 5.37 -13.82 -0.91
N PRO A 193 6.32 -14.37 -1.67
CA PRO A 193 7.08 -15.48 -1.15
C PRO A 193 7.66 -15.12 0.20
N VAL A 194 7.72 -16.11 1.10
CA VAL A 194 8.22 -15.89 2.45
C VAL A 194 9.63 -15.39 2.44
N GLU A 195 10.40 -15.88 1.47
N GLU A 195 10.46 -15.84 1.51
CA GLU A 195 11.76 -15.47 1.24
CA GLU A 195 11.82 -15.37 1.50
C GLU A 195 11.85 -13.96 1.07
C GLU A 195 11.94 -13.92 0.99
N THR A 196 10.95 -13.43 0.24
CA THR A 196 10.89 -12.00 -0.09
C THR A 196 10.58 -11.16 1.16
N LEU A 197 9.55 -11.55 1.89
CA LEU A 197 9.17 -10.92 3.15
C LEU A 197 10.32 -10.98 4.15
N GLU A 198 10.97 -12.14 4.26
CA GLU A 198 12.07 -12.32 5.22
C GLU A 198 13.28 -11.52 4.82
N GLY A 199 13.45 -11.31 3.52
CA GLY A 199 14.55 -10.46 3.03
C GLY A 199 14.36 -8.97 3.28
N LEU A 200 13.13 -8.50 3.21
CA LEU A 200 12.87 -7.09 3.35
C LEU A 200 12.66 -6.64 4.80
N ALA A 201 12.00 -7.47 5.60
CA ALA A 201 11.65 -7.13 6.98
C ALA A 201 12.82 -6.60 7.83
N PRO A 202 14.00 -7.25 7.76
CA PRO A 202 15.11 -6.76 8.58
C PRO A 202 15.62 -5.35 8.25
N ALA A 203 15.33 -4.83 7.05
CA ALA A 203 15.76 -3.47 6.66
C ALA A 203 14.86 -2.32 7.09
N ALA A 204 13.64 -2.61 7.53
CA ALA A 204 12.63 -1.59 7.80
C ALA A 204 12.68 -1.10 9.24
N THR A 205 12.24 0.13 9.45
CA THR A 205 11.99 0.63 10.81
C THR A 205 10.54 0.35 11.25
N HIS A 206 9.64 0.18 10.28
CA HIS A 206 8.21 -0.01 10.51
C HIS A 206 7.69 -0.99 9.49
N ILE A 207 6.93 -2.00 9.90
CA ILE A 207 6.29 -2.91 8.95
C ILE A 207 4.79 -3.00 9.23
N VAL A 208 3.97 -2.89 8.18
CA VAL A 208 2.54 -3.09 8.31
C VAL A 208 2.24 -4.27 7.45
N PHE A 209 2.00 -5.42 8.09
CA PHE A 209 1.66 -6.65 7.40
C PHE A 209 0.13 -6.73 7.19
N SER A 210 -0.29 -7.33 6.06
CA SER A 210 -1.69 -7.68 5.86
C SER A 210 -1.87 -8.98 6.62
N GLU A 211 -3.11 -9.28 6.99
CA GLU A 211 -3.36 -10.55 7.67
C GLU A 211 -2.81 -11.81 6.92
N PRO A 212 -3.11 -11.93 5.62
CA PRO A 212 -2.56 -13.07 4.91
C PRO A 212 -1.03 -13.17 4.90
N ALA A 213 -0.33 -12.04 4.80
CA ALA A 213 1.14 -12.08 4.79
C ALA A 213 1.67 -12.56 6.16
N ALA A 214 1.11 -11.98 7.23
CA ALA A 214 1.50 -12.34 8.58
C ALA A 214 1.19 -13.80 8.90
N THR A 215 0.07 -14.29 8.37
CA THR A 215 -0.32 -15.69 8.51
C THR A 215 0.74 -16.59 7.91
N ARG A 216 1.16 -16.24 6.70
CA ARG A 216 2.15 -17.05 6.03
C ARG A 216 3.48 -17.03 6.74
N LEU A 217 3.87 -15.85 7.23
N LEU A 217 3.89 -15.85 7.21
CA LEU A 217 5.18 -15.68 7.85
CA LEU A 217 5.18 -15.71 7.87
C LEU A 217 5.29 -16.39 9.19
C LEU A 217 5.27 -16.47 9.17
N THR A 218 4.20 -16.42 9.96
CA THR A 218 4.19 -16.96 11.32
C THR A 218 3.64 -18.35 11.36
N GLY A 219 2.84 -18.68 10.36
CA GLY A 219 2.13 -19.92 10.36
C GLY A 219 1.05 -20.04 11.42
N LEU A 220 0.59 -18.91 11.97
CA LEU A 220 -0.49 -18.91 12.95
C LEU A 220 -1.78 -18.41 12.34
N GLU A 221 -2.87 -18.59 13.04
CA GLU A 221 -4.18 -18.37 12.45
C GLU A 221 -4.79 -17.04 12.87
N THR A 222 -4.62 -16.65 14.12
CA THR A 222 -5.30 -15.50 14.69
C THR A 222 -4.35 -14.35 14.82
N VAL A 223 -4.76 -13.18 14.35
CA VAL A 223 -3.87 -12.05 14.22
C VAL A 223 -3.23 -11.66 15.55
N LYS A 224 -4.01 -11.63 16.63
CA LYS A 224 -3.44 -11.21 17.91
C LYS A 224 -2.30 -12.12 18.35
N ASP A 225 -2.34 -13.40 17.95
CA ASP A 225 -1.29 -14.38 18.26
C ASP A 225 -0.03 -14.20 17.41
N MSE A 226 -0.13 -13.43 16.35
CA MSE A 226 1.01 -13.23 15.47
C MSE A 226 1.94 -12.14 15.96
O MSE A 226 3.12 -12.19 15.71
CB MSE A 226 0.52 -12.92 14.06
CG MSE A 226 -0.34 -14.01 13.48
SE MSE A 226 -1.08 -13.42 11.79
CE MSE A 226 -2.45 -14.84 11.63
N LEU A 227 1.40 -11.17 16.69
CA LEU A 227 2.19 -10.04 17.13
C LEU A 227 3.31 -10.44 18.11
N PRO A 228 3.04 -11.33 19.09
CA PRO A 228 4.14 -11.77 19.95
C PRO A 228 5.35 -12.35 19.20
N VAL A 229 5.08 -13.16 18.16
CA VAL A 229 6.15 -13.81 17.41
C VAL A 229 6.86 -12.79 16.52
N LEU A 230 6.09 -11.91 15.88
CA LEU A 230 6.66 -10.97 14.96
C LEU A 230 7.49 -9.93 15.73
N HIS A 231 7.03 -9.52 16.91
CA HIS A 231 7.83 -8.65 17.73
C HIS A 231 9.18 -9.29 18.13
N ALA A 232 9.12 -10.54 18.55
CA ALA A 232 10.29 -11.26 19.01
C ALA A 232 11.29 -11.39 17.88
N ARG A 233 10.82 -11.63 16.66
CA ARG A 233 11.68 -11.75 15.49
C ARG A 233 12.37 -10.42 15.10
N TYR A 234 11.64 -9.32 15.26
CA TYR A 234 12.04 -7.99 14.84
C TYR A 234 11.86 -6.98 16.00
N PRO A 235 12.53 -7.21 17.14
CA PRO A 235 12.15 -6.51 18.36
C PRO A 235 12.42 -5.00 18.39
N GLN A 236 13.27 -4.54 17.50
CA GLN A 236 13.61 -3.12 17.39
C GLN A 236 12.79 -2.40 16.30
N THR A 237 11.75 -3.07 15.80
CA THR A 237 10.98 -2.62 14.68
C THR A 237 9.54 -2.37 15.15
N PHE A 238 8.92 -1.27 14.69
CA PHE A 238 7.46 -1.12 14.75
C PHE A 238 6.78 -2.18 13.85
N ILE A 239 5.89 -3.00 14.44
CA ILE A 239 5.17 -4.03 13.70
C ILE A 239 3.66 -3.90 13.88
N ALA A 240 2.94 -3.77 12.77
CA ALA A 240 1.50 -3.78 12.77
C ALA A 240 0.97 -4.91 11.87
N VAL A 241 -0.16 -5.49 12.24
CA VAL A 241 -0.88 -6.37 11.34
C VAL A 241 -2.28 -5.81 11.20
N THR A 242 -2.71 -5.53 9.96
CA THR A 242 -4.08 -5.05 9.70
C THR A 242 -4.99 -6.23 9.45
N ALA A 243 -6.26 -6.07 9.86
CA ALA A 243 -7.28 -7.13 9.73
C ALA A 243 -8.60 -6.59 9.16
N GLY A 244 -8.49 -5.57 8.28
CA GLY A 244 -9.66 -4.89 7.72
C GLY A 244 -10.66 -4.40 8.75
N PRO A 245 -11.91 -4.82 8.59
CA PRO A 245 -12.92 -4.33 9.55
C PRO A 245 -12.71 -4.81 10.96
N ALA A 246 -11.82 -5.78 11.18
CA ALA A 246 -11.50 -6.32 12.50
C ALA A 246 -10.44 -5.49 13.28
N GLY A 247 -9.86 -4.48 12.62
CA GLY A 247 -9.00 -3.53 13.28
C GLY A 247 -7.54 -3.79 12.96
N CYS A 248 -6.69 -3.34 13.87
CA CYS A 248 -5.23 -3.35 13.68
C CYS A 248 -4.54 -3.58 15.03
N TRP A 249 -3.67 -4.58 15.07
CA TRP A 249 -2.85 -4.90 16.23
C TRP A 249 -1.43 -4.47 15.95
N TRP A 250 -0.74 -3.95 16.97
CA TRP A 250 0.67 -3.55 16.74
C TRP A 250 1.48 -3.60 18.01
N THR A 251 2.80 -3.65 17.79
CA THR A 251 3.80 -3.51 18.83
C THR A 251 4.80 -2.41 18.43
N GLU A 252 5.17 -1.60 19.42
CA GLU A 252 6.20 -0.59 19.24
C GLU A 252 7.59 -1.22 19.25
N ALA A 253 8.56 -0.49 18.70
CA ALA A 253 9.97 -0.83 18.84
C ALA A 253 10.31 -1.02 20.30
N ASP A 254 11.11 -2.05 20.55
N ASP A 254 11.17 -2.00 20.60
CA ASP A 254 11.73 -2.36 21.85
CA ASP A 254 11.71 -2.26 21.95
C ASP A 254 10.76 -2.69 22.99
C ASP A 254 10.65 -2.46 23.03
N ASP A 255 9.48 -2.99 22.69
CA ASP A 255 8.47 -3.30 23.71
C ASP A 255 7.47 -4.34 23.19
N PRO A 256 7.26 -5.43 23.95
CA PRO A 256 6.33 -6.47 23.46
C PRO A 256 4.85 -6.24 23.73
N THR A 257 4.49 -5.15 24.42
CA THR A 257 3.09 -4.84 24.62
C THR A 257 2.33 -4.76 23.30
N VAL A 258 1.28 -5.58 23.18
CA VAL A 258 0.43 -5.62 22.00
C VAL A 258 -0.72 -4.60 22.17
N HIS A 259 -0.82 -3.67 21.22
CA HIS A 259 -1.87 -2.64 21.22
C HIS A 259 -2.85 -3.01 20.15
N PHE A 260 -4.07 -2.53 20.33
CA PHE A 260 -5.14 -2.79 19.40
C PHE A 260 -5.94 -1.50 19.19
N GLN A 261 -6.33 -1.31 17.93
CA GLN A 261 -7.19 -0.20 17.55
C GLN A 261 -8.30 -0.69 16.64
N THR A 262 -9.54 -0.49 17.05
N THR A 262 -9.54 -0.50 17.07
CA THR A 262 -10.66 -0.87 16.23
CA THR A 262 -10.72 -0.80 16.28
C THR A 262 -10.78 0.13 15.09
C THR A 262 -10.74 0.14 15.07
N THR A 263 -11.42 -0.26 14.01
CA THR A 263 -11.67 0.63 12.90
C THR A 263 -13.14 1.03 12.85
N MSE A 264 -13.40 2.04 12.03
CA MSE A 264 -14.73 2.58 11.78
C MSE A 264 -15.49 1.62 10.88
O MSE A 264 -15.03 1.26 9.80
CB MSE A 264 -14.61 3.93 11.09
CG MSE A 264 -15.94 4.56 10.84
SE MSE A 264 -15.74 6.39 10.18
CE MSE A 264 -15.17 6.09 8.31
N GLN A 265 -16.70 1.26 11.30
CA GLN A 265 -17.49 0.37 10.51
C GLN A 265 -18.25 1.11 9.42
N VAL A 266 -18.10 0.63 8.19
CA VAL A 266 -18.68 1.28 7.06
C VAL A 266 -19.30 0.16 6.21
N GLU A 267 -20.07 0.53 5.21
CA GLU A 267 -20.46 -0.45 4.24
C GLU A 267 -19.37 -0.62 3.22
N ALA A 268 -18.77 -1.81 3.17
CA ALA A 268 -17.66 -2.11 2.28
C ALA A 268 -18.10 -2.32 0.83
N VAL A 269 -18.33 -1.22 0.11
CA VAL A 269 -18.65 -1.27 -1.32
C VAL A 269 -17.53 -1.86 -2.20
N ASP A 270 -16.30 -1.44 -1.94
CA ASP A 270 -15.15 -1.88 -2.71
C ASP A 270 -13.91 -1.75 -1.86
N THR A 271 -13.38 -2.88 -1.40
CA THR A 271 -12.21 -2.87 -0.53
C THR A 271 -10.90 -2.87 -1.32
N LEU A 272 -10.96 -2.89 -2.66
CA LEU A 272 -9.74 -2.83 -3.46
C LEU A 272 -8.94 -1.59 -3.09
N ALA A 273 -7.65 -1.76 -2.78
CA ALA A 273 -6.74 -0.62 -2.43
C ALA A 273 -6.85 -0.09 -0.99
N ALA A 274 -7.70 -0.69 -0.17
CA ALA A 274 -7.96 -0.21 1.20
C ALA A 274 -6.65 -0.19 1.99
N GLY A 275 -5.93 -1.30 1.92
CA GLY A 275 -4.61 -1.46 2.58
C GLY A 275 -3.60 -0.45 2.09
N ASP A 276 -3.62 -0.16 0.80
CA ASP A 276 -2.76 0.87 0.22
C ASP A 276 -3.05 2.27 0.74
N ILE A 277 -4.32 2.60 0.86
CA ILE A 277 -4.66 3.88 1.43
C ILE A 277 -4.17 3.93 2.88
N PHE A 278 -4.36 2.83 3.61
CA PHE A 278 -3.84 2.71 4.97
C PHE A 278 -2.35 2.98 5.02
N HIS A 279 -1.58 2.29 4.17
CA HIS A 279 -0.11 2.39 4.21
C HIS A 279 0.42 3.78 3.87
N GLY A 280 -0.16 4.38 2.85
CA GLY A 280 0.25 5.71 2.44
C GLY A 280 -0.06 6.72 3.55
N THR A 281 -1.23 6.64 4.17
CA THR A 281 -1.60 7.53 5.27
C THR A 281 -0.63 7.34 6.42
N PHE A 282 -0.30 6.09 6.70
CA PHE A 282 0.56 5.75 7.81
C PHE A 282 1.96 6.26 7.58
N ALA A 283 2.45 6.10 6.37
CA ALA A 283 3.74 6.61 5.98
C ALA A 283 3.83 8.13 6.08
N LEU A 284 2.81 8.82 5.60
CA LEU A 284 2.72 10.25 5.84
C LEU A 284 2.65 10.59 7.32
N ALA A 285 1.84 9.88 8.12
CA ALA A 285 1.76 10.16 9.57
C ALA A 285 3.14 10.04 10.26
N MSE A 286 3.91 9.01 9.87
CA MSE A 286 5.29 8.87 10.33
C MSE A 286 6.21 10.03 9.91
O MSE A 286 6.97 10.54 10.73
CB MSE A 286 5.91 7.54 9.89
CG MSE A 286 5.26 6.31 10.42
SE MSE A 286 5.16 6.18 12.37
CE MSE A 286 3.35 6.99 12.65
N ALA A 287 6.12 10.46 8.66
CA ALA A 287 6.90 11.59 8.17
C ALA A 287 6.52 12.86 8.98
N GLU A 288 5.26 12.94 9.37
CA GLU A 288 4.78 14.02 10.23
C GLU A 288 5.13 13.90 11.73
N GLY A 289 5.65 12.76 12.17
CA GLY A 289 6.03 12.55 13.55
C GLY A 289 4.85 12.26 14.45
N MSE A 290 3.82 11.65 13.90
CA MSE A 290 2.60 11.41 14.67
C MSE A 290 2.78 10.23 15.62
O MSE A 290 3.47 9.28 15.28
CB MSE A 290 1.46 11.10 13.70
CG MSE A 290 0.12 11.24 14.32
SE MSE A 290 -1.29 11.06 12.98
CE MSE A 290 -0.70 12.51 11.88
N GLN A 291 2.15 10.29 16.80
CA GLN A 291 2.11 9.14 17.70
C GLN A 291 1.44 7.94 17.05
N SER A 292 1.85 6.75 17.47
CA SER A 292 1.43 5.50 16.82
C SER A 292 -0.08 5.26 16.79
N ARG A 293 -0.74 5.43 17.92
CA ARG A 293 -2.19 5.19 17.95
C ARG A 293 -2.92 6.21 17.06
N ALA A 294 -2.55 7.49 17.16
CA ALA A 294 -3.11 8.55 16.26
C ALA A 294 -2.94 8.19 14.78
N ALA A 295 -1.76 7.67 14.44
CA ALA A 295 -1.43 7.27 13.06
C ALA A 295 -2.23 6.06 12.61
N VAL A 296 -2.39 5.08 13.49
CA VAL A 296 -3.19 3.92 13.17
C VAL A 296 -4.64 4.33 12.98
N ARG A 297 -5.16 5.18 13.86
CA ARG A 297 -6.53 5.69 13.70
C ARG A 297 -6.78 6.42 12.40
N LEU A 298 -5.92 7.39 12.07
CA LEU A 298 -6.08 8.15 10.85
C LEU A 298 -6.04 7.24 9.62
N SER A 299 -5.09 6.30 9.58
CA SER A 299 -4.96 5.37 8.48
C SER A 299 -6.16 4.47 8.35
N SER A 300 -6.69 4.02 9.49
CA SER A 300 -7.88 3.21 9.54
C SER A 300 -9.10 3.93 8.99
N VAL A 301 -9.31 5.17 9.43
CA VAL A 301 -10.45 5.92 8.96
C VAL A 301 -10.34 6.21 7.47
N ALA A 302 -9.16 6.59 7.03
CA ALA A 302 -8.93 6.86 5.61
C ALA A 302 -9.27 5.63 4.77
N ALA A 303 -8.80 4.48 5.20
CA ALA A 303 -9.07 3.20 4.51
C ALA A 303 -10.55 2.90 4.48
N ALA A 304 -11.21 3.08 5.62
CA ALA A 304 -12.68 2.90 5.74
C ALA A 304 -13.44 3.77 4.75
N LEU A 305 -13.10 5.04 4.67
CA LEU A 305 -13.72 5.94 3.73
C LEU A 305 -13.59 5.42 2.32
N LYS A 306 -12.39 5.00 1.95
CA LYS A 306 -12.14 4.56 0.58
C LYS A 306 -13.01 3.36 0.24
N CYS A 307 -13.32 2.54 1.23
CA CYS A 307 -14.11 1.30 1.01
C CYS A 307 -15.56 1.52 0.61
N THR A 308 -16.06 2.74 0.83
CA THR A 308 -17.44 3.08 0.54
C THR A 308 -17.69 3.54 -0.87
N VAL A 309 -16.65 3.61 -1.69
CA VAL A 309 -16.71 4.06 -3.08
C VAL A 309 -16.18 2.97 -4.02
N PHE A 310 -16.95 2.64 -5.05
CA PHE A 310 -16.46 1.79 -6.12
C PHE A 310 -15.29 2.44 -6.85
N GLY A 311 -14.21 1.68 -7.01
CA GLY A 311 -13.19 2.03 -7.99
C GLY A 311 -11.76 1.98 -7.53
N GLY A 312 -11.38 0.98 -6.74
CA GLY A 312 -9.98 0.87 -6.35
C GLY A 312 -9.52 2.01 -5.45
N ARG A 313 -8.45 2.67 -5.84
CA ARG A 313 -7.95 3.82 -5.10
C ARG A 313 -8.78 5.10 -5.21
N ILE A 314 -9.76 5.14 -6.12
CA ILE A 314 -10.44 6.40 -6.49
C ILE A 314 -11.21 7.00 -5.34
N GLY A 315 -11.62 6.16 -4.40
CA GLY A 315 -12.26 6.66 -3.18
C GLY A 315 -11.36 7.21 -2.09
N ALA A 316 -10.05 7.30 -2.33
CA ALA A 316 -9.12 7.77 -1.29
C ALA A 316 -9.61 9.15 -0.83
N PRO A 317 -9.88 9.31 0.47
CA PRO A 317 -10.38 10.64 0.94
C PRO A 317 -9.31 11.70 1.09
N THR A 318 -9.78 12.94 1.16
CA THR A 318 -8.98 14.06 1.54
C THR A 318 -8.62 13.98 3.00
N ARG A 319 -7.61 14.76 3.39
CA ARG A 319 -7.18 14.82 4.77
C ARG A 319 -8.33 15.34 5.66
N GLU A 320 -8.99 16.38 5.15
N GLU A 320 -9.00 16.38 5.20
CA GLU A 320 -10.12 17.02 5.78
CA GLU A 320 -10.10 16.93 6.00
C GLU A 320 -11.29 16.04 6.03
C GLU A 320 -11.34 16.02 6.07
N GLU A 321 -11.64 15.29 5.00
CA GLU A 321 -12.71 14.27 5.09
C GLU A 321 -12.40 13.23 6.14
N THR A 322 -11.13 12.78 6.16
CA THR A 322 -10.67 11.81 7.17
C THR A 322 -10.68 12.40 8.59
N GLU A 323 -10.19 13.62 8.75
CA GLU A 323 -10.16 14.25 10.07
C GLU A 323 -11.56 14.42 10.64
N GLU A 324 -12.51 14.85 9.80
CA GLU A 324 -13.87 15.06 10.27
C GLU A 324 -14.54 13.73 10.58
N ALA A 325 -14.40 12.74 9.69
CA ALA A 325 -14.94 11.42 9.95
C ALA A 325 -14.43 10.86 11.27
N MSE A 326 -13.13 11.04 11.50
CA MSE A 326 -12.47 10.48 12.66
C MSE A 326 -12.97 11.14 13.93
O MSE A 326 -13.24 10.47 14.92
CB MSE A 326 -10.97 10.65 12.53
CG MSE A 326 -10.25 10.08 13.73
SE MSE A 326 -8.34 10.04 13.45
CE MSE A 326 -7.95 11.97 13.34
N ARG A 327 -13.13 12.45 13.88
CA ARG A 327 -13.70 13.20 14.99
C ARG A 327 -15.07 12.69 15.40
N GLN A 328 -15.96 12.52 14.42
CA GLN A 328 -17.31 12.01 14.69
C GLN A 328 -17.28 10.56 15.22
N TRP A 329 -16.42 9.74 14.65
CA TRP A 329 -16.26 8.34 15.06
C TRP A 329 -15.75 8.20 16.46
N LEU A 330 -14.74 8.99 16.81
CA LEU A 330 -14.21 9.01 18.16
C LEU A 330 -15.23 9.51 19.17
N GLU A 331 -16.31 10.16 18.72
CA GLU A 331 -17.44 10.52 19.60
C GLU A 331 -18.68 9.64 19.44
N ARG A 332 -18.57 8.48 18.79
CA ARG A 332 -19.72 7.58 18.58
C ARG A 332 -20.25 7.05 19.90
N GLU A 333 -21.50 6.58 19.89
CA GLU A 333 -22.07 5.90 21.06
C GLU A 333 -23.02 4.77 20.66
S SO4 B . -11.39 3.75 19.80
O1 SO4 B . -11.78 4.44 21.04
O2 SO4 B . -9.95 3.80 19.65
O3 SO4 B . -11.78 2.34 19.84
O4 SO4 B . -12.03 4.46 18.70
S SO4 C . -1.41 3.26 23.32
O1 SO4 C . 0.00 3.46 23.63
O2 SO4 C . -1.47 2.42 22.12
O3 SO4 C . -2.08 2.60 24.44
O4 SO4 C . -2.01 4.58 23.07
S SO4 D . -12.07 15.94 -4.42
O1 SO4 D . -12.37 14.77 -3.60
O2 SO4 D . -11.29 15.54 -5.60
O3 SO4 D . -13.31 16.50 -4.95
O4 SO4 D . -11.36 16.93 -3.59
S SO4 E . 6.29 -19.30 -0.05
O1 SO4 E . 5.67 -20.31 0.80
O2 SO4 E . 7.67 -19.65 -0.35
O3 SO4 E . 5.53 -19.15 -1.29
O4 SO4 E . 6.29 -18.04 0.68
S SO4 F . 7.19 -10.01 -25.94
O1 SO4 F . 6.45 -10.58 -24.81
O2 SO4 F . 8.52 -10.60 -26.04
O3 SO4 F . 6.46 -10.27 -27.17
O4 SO4 F . 7.32 -8.56 -25.77
CL CL G . -4.56 1.38 -23.28
C1 EDO H . -9.20 -4.76 -19.95
O1 EDO H . -9.74 -5.03 -21.26
C2 EDO H . -7.89 -5.53 -19.70
O2 EDO H . -7.64 -5.71 -18.30
C1 EDO I . 21.48 9.01 -8.47
O1 EDO I . 20.53 8.00 -8.86
C2 EDO I . 22.90 8.70 -8.97
O2 EDO I . 23.11 7.30 -9.24
C1 EDO J . 14.64 6.37 -13.59
O1 EDO J . 15.33 7.59 -13.28
C2 EDO J . 15.55 5.19 -13.31
O2 EDO J . 15.10 4.01 -14.02
C1 EDO K . -7.84 -0.67 9.28
O1 EDO K . -7.70 -0.52 7.87
C2 EDO K . -7.64 -2.12 9.69
O2 EDO K . -7.32 -2.89 8.53
C1 EDO L . -11.08 -7.83 1.26
O1 EDO L . -12.36 -7.80 0.60
C2 EDO L . -9.99 -8.37 0.32
O2 EDO L . -8.94 -7.40 0.13
C1 GOL M . -4.37 -5.77 -9.54
C1 GOL M . -4.29 -5.22 -9.86
O1 GOL M . -3.55 -5.18 -10.53
O1 GOL M . -3.56 -5.20 -11.05
C2 GOL M . -4.24 -4.98 -8.23
C2 GOL M . -3.54 -4.36 -8.84
O2 GOL M . -5.17 -3.88 -8.06
O2 GOL M . -4.40 -3.47 -8.17
C3 GOL M . -4.30 -5.95 -7.07
C3 GOL M . -2.93 -5.35 -7.84
O3 GOL M . -5.50 -6.64 -6.98
O3 GOL M . -1.97 -6.18 -8.44
#